data_6F72
#
_entry.id   6F72
#
_cell.length_a   59.700
_cell.length_b   100.930
_cell.length_c   111.800
_cell.angle_alpha   90.00
_cell.angle_beta   90.00
_cell.angle_gamma   90.00
#
_symmetry.space_group_name_H-M   'P 21 21 21'
#
loop_
_entity.id
_entity.type
_entity.pdbx_description
1 polymer MtVAO615
2 branched 2-acetamido-2-deoxy-beta-D-glucopyranose-(1-4)-2-acetamido-2-deoxy-beta-D-glucopyranose
3 branched beta-D-mannopyranose-(1-4)-2-acetamido-2-deoxy-beta-D-glucopyranose-(1-4)-2-acetamido-2-deoxy-beta-D-glucopyranose
4 non-polymer 'FLAVIN-ADENINE DINUCLEOTIDE'
5 non-polymer 2-acetamido-2-deoxy-beta-D-glucopyranose
6 water water
#
_entity_poly.entity_id   1
_entity_poly.type   'polypeptide(L)'
_entity_poly.pdbx_seq_one_letter_code
;MPASLLRFLALAGTAVGLTTNHNHSPSCRVLPGDAAWPSSRDWAKLNKTLNGHLIATVPQASVCHKSPFGQYDAQACEEL
KSSWDISTITHVNAPGDVLSQNFQNYSCVPFTDPSQPCQLGNYPSYVVNVTGAADVQAALKFAQKHNVRIVIKNTGHDYL
GKSTGKGALSLWMHNLKSTKFIKNYKAPYYKGPAAKLGAGVEGFEAYAMANSTGHRIVGGTCPTVGIVGGYTQGGGHSIL
SSSYGVAADNVLEWEVVTADGRHLVATPTRNSDLYWALSGGGGGTFAVVLSMTARLHRDGIVGGTLLGFNDSAVGNEVYW
EAVAAFHALLPDFLDGGNSFTYSVGNNSLTAYGTMPGADRDAVDRLLRPFLDDLASRGITPVVQPRVSTNYYDHFFTYLG
PAPYGNAAYFPFTNSRIIPRSLVTDPKSNAVVTDLFRNISQVPAFSPFYCDSFSVADKPHPANSLHPAWRTGMLLCAPAG
SWDWDASPEEMAARDRYAAETLQPMMDAATPGGSVYLNEANHLYANWKESFYGDNYARLLRVKKKYDPDSVFYVKTGVGS
EVWDVDATGRLCRA
;
_entity_poly.pdbx_strand_id   A
#
loop_
_chem_comp.id
_chem_comp.type
_chem_comp.name
_chem_comp.formula
BMA D-saccharide, beta linking beta-D-mannopyranose 'C6 H12 O6'
FAD non-polymer 'FLAVIN-ADENINE DINUCLEOTIDE' 'C27 H33 N9 O15 P2'
NAG D-saccharide, beta linking 2-acetamido-2-deoxy-beta-D-glucopyranose 'C8 H15 N O6'
#
# COMPACT_ATOMS: atom_id res chain seq x y z
N SER A 27 25.23 -13.78 14.97
CA SER A 27 24.38 -13.09 15.99
C SER A 27 23.61 -11.92 15.36
N CYS A 28 24.33 -11.06 14.64
CA CYS A 28 23.77 -9.88 13.98
C CYS A 28 24.08 -9.83 12.49
N ARG A 29 23.23 -9.17 11.71
CA ARG A 29 23.52 -8.88 10.30
C ARG A 29 24.67 -7.89 10.21
N VAL A 30 25.54 -8.07 9.21
CA VAL A 30 26.72 -7.21 9.02
C VAL A 30 26.35 -5.85 8.42
N LEU A 31 27.09 -4.83 8.82
CA LEU A 31 26.87 -3.45 8.37
C LEU A 31 28.09 -2.89 7.67
N PRO A 32 27.92 -1.90 6.76
CA PRO A 32 29.12 -1.27 6.18
C PRO A 32 29.97 -0.70 7.31
N GLY A 33 31.27 -0.95 7.24
CA GLY A 33 32.21 -0.60 8.31
C GLY A 33 32.69 -1.79 9.12
N ASP A 34 31.87 -2.85 9.20
CA ASP A 34 32.24 -4.09 9.91
C ASP A 34 33.42 -4.78 9.25
N ALA A 35 34.27 -5.39 10.08
CA ALA A 35 35.36 -6.23 9.61
C ALA A 35 34.83 -7.33 8.66
N ALA A 36 33.64 -7.85 8.96
CA ALA A 36 33.01 -8.92 8.18
C ALA A 36 32.13 -8.47 6.99
N TRP A 37 32.00 -7.16 6.78
CA TRP A 37 31.35 -6.63 5.56
C TRP A 37 32.06 -7.18 4.32
N PRO A 38 31.31 -7.62 3.28
CA PRO A 38 31.97 -8.22 2.13
C PRO A 38 32.90 -7.24 1.42
N SER A 39 34.10 -7.70 1.05
CA SER A 39 35.06 -6.94 0.23
C SER A 39 34.46 -6.49 -1.11
N SER A 40 35.10 -5.52 -1.78
CA SER A 40 34.59 -5.07 -3.08
C SER A 40 34.78 -6.15 -4.15
N ARG A 41 35.71 -7.06 -3.87
CA ARG A 41 35.95 -8.28 -4.65
C ARG A 41 34.78 -9.25 -4.46
N ASP A 42 34.31 -9.40 -3.23
CA ASP A 42 33.10 -10.17 -2.94
C ASP A 42 31.91 -9.59 -3.71
N TRP A 43 31.74 -8.27 -3.62
CA TRP A 43 30.66 -7.58 -4.34
C TRP A 43 30.79 -7.73 -5.87
N ALA A 44 32.00 -7.56 -6.40
CA ALA A 44 32.28 -7.78 -7.83
C ALA A 44 31.92 -9.20 -8.30
N LYS A 45 32.26 -10.20 -7.48
CA LYS A 45 31.97 -11.62 -7.73
C LYS A 45 30.45 -11.87 -7.79
N LEU A 46 29.69 -11.24 -6.89
CA LEU A 46 28.23 -11.25 -6.96
C LEU A 46 27.76 -10.54 -8.23
N ASN A 47 28.36 -9.39 -8.52
CA ASN A 47 28.01 -8.61 -9.72
C ASN A 47 28.21 -9.39 -11.04
N LYS A 48 29.25 -10.22 -11.11
CA LYS A 48 29.48 -11.13 -12.24
C LYS A 48 28.34 -12.14 -12.39
N THR A 49 28.08 -12.91 -11.32
CA THR A 49 26.95 -13.83 -11.21
C THR A 49 25.64 -13.19 -11.66
N LEU A 50 25.44 -11.93 -11.27
CA LEU A 50 24.24 -11.15 -11.61
C LEU A 50 24.26 -10.52 -13.01
N ASN A 51 25.29 -10.83 -13.80
CA ASN A 51 25.41 -10.35 -15.19
C ASN A 51 25.45 -8.79 -15.24
N GLY A 52 26.17 -8.19 -14.28
CA GLY A 52 26.26 -6.73 -14.16
C GLY A 52 25.09 -5.99 -13.51
N HIS A 53 24.18 -6.73 -12.87
CA HIS A 53 22.93 -6.16 -12.32
C HIS A 53 22.97 -5.78 -10.83
N LEU A 54 24.16 -5.75 -10.25
CA LEU A 54 24.36 -5.11 -8.95
C LEU A 54 24.57 -3.61 -9.11
N ILE A 55 23.88 -2.84 -8.27
CA ILE A 55 23.98 -1.38 -8.22
C ILE A 55 24.44 -0.97 -6.81
N ALA A 56 25.46 -0.11 -6.72
CA ALA A 56 25.79 0.58 -5.46
C ALA A 56 24.78 1.71 -5.32
N THR A 57 24.10 1.77 -4.18
CA THR A 57 23.07 2.79 -3.97
C THR A 57 23.69 4.19 -4.00
N VAL A 58 23.10 5.02 -4.84
CA VAL A 58 23.36 6.45 -4.86
C VAL A 58 21.98 7.07 -4.78
N PRO A 59 21.63 7.66 -3.61
CA PRO A 59 20.32 8.27 -3.43
C PRO A 59 20.04 9.33 -4.48
N GLN A 60 18.79 9.43 -4.92
CA GLN A 60 18.38 10.35 -5.98
C GLN A 60 18.73 11.84 -5.71
N ALA A 61 18.76 12.26 -4.45
CA ALA A 61 19.09 13.64 -4.07
C ALA A 61 20.59 13.90 -3.85
N SER A 62 21.45 12.97 -4.28
CA SER A 62 22.90 13.21 -4.24
C SER A 62 23.29 14.43 -5.09
N VAL A 63 22.50 14.72 -6.13
CA VAL A 63 22.60 15.96 -6.91
C VAL A 63 22.45 17.25 -6.07
N CYS A 64 21.83 17.11 -4.91
CA CYS A 64 21.61 18.21 -3.96
C CYS A 64 22.75 18.37 -2.95
N HIS A 65 23.77 17.51 -3.06
CA HIS A 65 24.92 17.51 -2.14
C HIS A 65 26.25 17.33 -2.85
N LYS A 66 27.33 17.53 -2.11
CA LYS A 66 28.68 17.68 -2.67
C LYS A 66 29.57 16.46 -2.45
N SER A 67 29.34 15.73 -1.36
CA SER A 67 30.08 14.51 -1.02
C SER A 67 29.08 13.40 -0.59
N PRO A 68 29.42 12.11 -0.73
CA PRO A 68 30.71 11.66 -1.26
C PRO A 68 30.66 11.29 -2.76
N PHE A 69 29.55 11.63 -3.43
CA PHE A 69 29.34 11.21 -4.81
C PHE A 69 29.81 12.22 -5.85
N GLY A 70 30.14 13.44 -5.39
CA GLY A 70 30.66 14.51 -6.24
C GLY A 70 29.83 14.76 -7.49
N GLN A 71 28.51 14.85 -7.29
CA GLN A 71 27.55 14.93 -8.37
C GLN A 71 26.66 16.16 -8.32
N TYR A 72 27.02 17.14 -7.47
CA TYR A 72 26.20 18.32 -7.23
C TYR A 72 25.78 19.06 -8.50
N ASP A 73 24.48 19.35 -8.60
CA ASP A 73 23.88 20.00 -9.75
C ASP A 73 22.66 20.74 -9.25
N ALA A 74 22.77 22.06 -9.18
CA ALA A 74 21.72 22.94 -8.65
C ALA A 74 20.42 22.85 -9.44
N GLN A 75 20.52 22.90 -10.77
CA GLN A 75 19.38 22.78 -11.71
C GLN A 75 18.56 21.50 -11.49
N ALA A 76 19.25 20.37 -11.37
CA ALA A 76 18.63 19.05 -11.20
C ALA A 76 18.09 18.89 -9.78
N CYS A 77 18.78 19.51 -8.83
CA CYS A 77 18.34 19.52 -7.44
C CYS A 77 16.99 20.23 -7.30
N GLU A 78 16.83 21.35 -8.01
CA GLU A 78 15.58 22.14 -7.98
C GLU A 78 14.39 21.41 -8.59
N GLU A 79 14.64 20.64 -9.65
CA GLU A 79 13.59 19.81 -10.30
C GLU A 79 13.08 18.68 -9.39
N LEU A 80 13.98 18.14 -8.57
CA LEU A 80 13.62 17.14 -7.56
C LEU A 80 12.68 17.69 -6.49
N LYS A 81 12.85 18.97 -6.15
CA LYS A 81 12.11 19.63 -5.06
C LYS A 81 10.63 19.76 -5.30
N SER A 82 10.24 20.25 -6.47
CA SER A 82 8.85 20.61 -6.74
C SER A 82 7.84 19.45 -6.66
N SER A 83 8.31 18.21 -6.81
CA SER A 83 7.43 17.03 -6.76
C SER A 83 7.86 15.94 -5.76
N TRP A 84 8.77 16.29 -4.84
CA TRP A 84 9.36 15.32 -3.91
C TRP A 84 8.36 14.65 -2.97
N ASP A 85 7.35 15.42 -2.56
CA ASP A 85 6.28 14.91 -1.68
C ASP A 85 5.07 14.32 -2.44
N ILE A 86 5.28 13.99 -3.72
CA ILE A 86 4.28 13.34 -4.58
C ILE A 86 4.80 11.93 -4.93
N SER A 87 3.88 10.97 -5.10
CA SER A 87 4.22 9.64 -5.65
C SER A 87 4.41 9.81 -7.15
N THR A 88 5.67 9.89 -7.57
CA THR A 88 6.01 10.11 -8.98
C THR A 88 6.79 8.93 -9.52
N ILE A 89 6.69 8.75 -10.83
CA ILE A 89 7.37 7.67 -11.53
C ILE A 89 8.90 7.85 -11.42
N THR A 90 9.33 9.10 -11.41
CA THR A 90 10.74 9.50 -11.26
C THR A 90 11.36 8.90 -9.99
N HIS A 91 10.67 9.08 -8.86
CA HIS A 91 11.10 8.56 -7.57
C HIS A 91 11.00 7.03 -7.50
N VAL A 92 9.92 6.50 -8.06
CA VAL A 92 9.70 5.07 -8.09
C VAL A 92 10.78 4.38 -8.94
N ASN A 93 11.33 5.10 -9.94
CA ASN A 93 12.33 4.55 -10.87
C ASN A 93 13.74 4.45 -10.28
N ALA A 94 13.96 5.09 -9.14
CA ALA A 94 15.26 5.08 -8.48
C ALA A 94 15.49 3.71 -7.81
N PRO A 95 16.71 3.13 -7.98
CA PRO A 95 17.03 1.81 -7.43
C PRO A 95 16.88 1.66 -5.92
N GLY A 96 17.50 2.55 -5.15
CA GLY A 96 17.54 2.37 -3.70
C GLY A 96 16.69 3.34 -2.90
N ASP A 97 15.92 4.20 -3.58
CA ASP A 97 15.11 5.21 -2.89
C ASP A 97 13.79 4.61 -2.43
N VAL A 98 13.27 5.14 -1.33
CA VAL A 98 11.87 4.90 -0.96
C VAL A 98 11.09 6.22 -1.01
N LEU A 99 9.76 6.16 -1.03
CA LEU A 99 8.96 7.37 -1.10
C LEU A 99 8.77 8.10 0.24
N SER A 100 9.02 7.41 1.36
CA SER A 100 8.76 7.97 2.68
C SER A 100 9.83 8.96 3.17
N GLN A 101 9.41 10.21 3.31
CA GLN A 101 10.28 11.28 3.83
C GLN A 101 10.77 10.94 5.24
N ASN A 102 9.94 10.21 5.99
CA ASN A 102 10.31 9.81 7.34
C ASN A 102 11.46 8.78 7.36
N PHE A 103 11.43 7.84 6.40
CA PHE A 103 12.47 6.84 6.30
C PHE A 103 13.72 7.35 5.56
N GLN A 104 13.55 8.29 4.63
CA GLN A 104 14.67 9.10 4.10
C GLN A 104 15.44 9.67 5.29
N ASN A 105 14.69 10.19 6.27
CA ASN A 105 15.24 10.60 7.57
C ASN A 105 16.42 11.59 7.45
N TYR A 106 16.30 12.50 6.48
CA TYR A 106 17.27 13.59 6.23
C TYR A 106 18.68 13.14 5.80
N SER A 107 18.85 11.85 5.46
CA SER A 107 20.17 11.31 5.16
C SER A 107 20.75 11.85 3.87
N CYS A 108 19.88 11.97 2.87
CA CYS A 108 20.24 12.49 1.56
C CYS A 108 18.98 12.96 0.85
N VAL A 109 18.50 14.12 1.26
CA VAL A 109 17.24 14.68 0.77
C VAL A 109 17.51 16.03 0.10
N PRO A 110 16.56 16.55 -0.73
CA PRO A 110 16.78 17.81 -1.46
C PRO A 110 16.70 19.11 -0.63
N PHE A 111 16.29 19.00 0.63
CA PHE A 111 15.91 20.18 1.41
C PHE A 111 16.89 20.55 2.54
N THR A 112 17.96 19.78 2.66
CA THR A 112 19.02 20.07 3.62
C THR A 112 20.16 20.85 2.97
N ASP A 113 21.11 21.27 3.82
CA ASP A 113 22.30 21.95 3.39
C ASP A 113 23.09 21.12 2.37
N PRO A 114 23.51 21.73 1.24
CA PRO A 114 24.34 21.06 0.21
C PRO A 114 25.63 20.46 0.76
N SER A 115 26.23 21.14 1.74
CA SER A 115 27.46 20.68 2.40
C SER A 115 27.24 19.48 3.35
N GLN A 116 25.98 19.14 3.63
CA GLN A 116 25.68 17.96 4.43
C GLN A 116 25.90 16.70 3.58
N PRO A 117 26.76 15.77 4.06
CA PRO A 117 27.15 14.60 3.24
C PRO A 117 25.93 13.77 2.87
N CYS A 118 25.83 13.39 1.59
CA CYS A 118 24.78 12.48 1.12
C CYS A 118 25.05 11.07 1.62
N GLN A 119 24.33 10.71 2.68
CA GLN A 119 24.49 9.43 3.34
C GLN A 119 23.34 8.49 3.00
N LEU A 120 23.64 7.20 3.08
CA LEU A 120 22.68 6.16 2.76
C LEU A 120 21.62 6.05 3.86
N GLY A 121 22.06 6.01 5.12
CA GLY A 121 21.15 5.91 6.26
C GLY A 121 20.37 4.62 6.23
N ASN A 122 19.04 4.73 6.13
CA ASN A 122 18.13 3.58 6.06
C ASN A 122 18.11 2.88 4.69
N TYR A 123 18.66 3.56 3.67
CA TYR A 123 18.72 3.02 2.32
C TYR A 123 19.64 1.80 2.31
N PRO A 124 19.34 0.79 1.45
CA PRO A 124 20.23 -0.38 1.32
C PRO A 124 21.59 0.03 0.71
N SER A 125 22.65 -0.71 1.03
CA SER A 125 23.98 -0.48 0.45
C SER A 125 24.09 -0.84 -1.04
N TYR A 126 23.49 -1.98 -1.41
CA TYR A 126 23.52 -2.50 -2.78
C TYR A 126 22.13 -2.97 -3.22
N VAL A 127 21.87 -2.84 -4.51
CA VAL A 127 20.55 -3.10 -5.09
C VAL A 127 20.70 -4.14 -6.22
N VAL A 128 20.01 -5.28 -6.07
CA VAL A 128 19.97 -6.31 -7.14
C VAL A 128 18.88 -5.95 -8.13
N ASN A 129 19.27 -5.55 -9.34
CA ASN A 129 18.33 -5.20 -10.39
C ASN A 129 17.83 -6.49 -11.04
N VAL A 130 16.81 -7.08 -10.40
CA VAL A 130 16.35 -8.45 -10.70
C VAL A 130 15.76 -8.58 -12.10
N THR A 131 16.25 -9.56 -12.86
CA THR A 131 15.76 -9.81 -14.20
C THR A 131 14.97 -11.13 -14.28
N GLY A 132 15.04 -11.95 -13.21
CA GLY A 132 14.38 -13.25 -13.15
C GLY A 132 14.80 -14.01 -11.90
N ALA A 133 14.42 -15.28 -11.83
CA ALA A 133 14.62 -16.15 -10.66
C ALA A 133 16.09 -16.35 -10.28
N ALA A 134 16.94 -16.40 -11.29
CA ALA A 134 18.36 -16.67 -11.10
C ALA A 134 19.06 -15.57 -10.29
N ASP A 135 18.76 -14.31 -10.64
CA ASP A 135 19.25 -13.14 -9.92
C ASP A 135 18.93 -13.18 -8.42
N VAL A 136 17.70 -13.60 -8.09
CA VAL A 136 17.23 -13.74 -6.71
C VAL A 136 17.97 -14.88 -6.01
N GLN A 137 18.01 -16.05 -6.65
CA GLN A 137 18.73 -17.21 -6.13
C GLN A 137 20.19 -16.88 -5.83
N ALA A 138 20.84 -16.18 -6.75
CA ALA A 138 22.22 -15.71 -6.57
C ALA A 138 22.36 -14.77 -5.38
N ALA A 139 21.50 -13.76 -5.31
CA ALA A 139 21.52 -12.76 -4.24
C ALA A 139 21.27 -13.36 -2.86
N LEU A 140 20.29 -14.28 -2.79
CA LEU A 140 19.99 -15.03 -1.57
C LEU A 140 21.17 -15.89 -1.12
N LYS A 141 21.82 -16.59 -2.07
CA LYS A 141 22.98 -17.41 -1.74
C LYS A 141 24.11 -16.55 -1.19
N PHE A 142 24.35 -15.42 -1.85
CA PHE A 142 25.39 -14.48 -1.46
C PHE A 142 25.12 -13.90 -0.07
N ALA A 143 23.89 -13.41 0.13
CA ALA A 143 23.51 -12.80 1.40
C ALA A 143 23.57 -13.81 2.54
N GLN A 144 23.18 -15.04 2.26
CA GLN A 144 23.27 -16.10 3.26
C GLN A 144 24.73 -16.52 3.54
N LYS A 145 25.55 -16.59 2.50
CA LYS A 145 27.00 -16.84 2.66
C LYS A 145 27.67 -15.73 3.50
N HIS A 146 27.27 -14.48 3.25
CA HIS A 146 27.95 -13.30 3.82
C HIS A 146 27.24 -12.60 4.97
N ASN A 147 26.12 -13.19 5.43
CA ASN A 147 25.34 -12.70 6.56
C ASN A 147 24.81 -11.26 6.33
N VAL A 148 24.38 -11.00 5.09
CA VAL A 148 23.79 -9.72 4.72
C VAL A 148 22.27 -9.77 4.84
N ARG A 149 21.70 -8.71 5.43
CA ARG A 149 20.26 -8.50 5.44
C ARG A 149 19.69 -8.35 4.01
N ILE A 150 18.70 -9.18 3.71
CA ILE A 150 17.92 -9.03 2.50
C ILE A 150 16.79 -8.03 2.72
N VAL A 151 16.63 -7.13 1.76
CA VAL A 151 15.48 -6.25 1.71
C VAL A 151 14.82 -6.53 0.38
N ILE A 152 13.51 -6.36 0.33
CA ILE A 152 12.80 -6.47 -0.93
C ILE A 152 12.09 -5.15 -1.25
N LYS A 153 12.37 -4.59 -2.41
CA LYS A 153 11.76 -3.33 -2.80
C LYS A 153 11.19 -3.41 -4.20
N ASN A 154 9.95 -2.95 -4.34
CA ASN A 154 9.25 -2.96 -5.58
C ASN A 154 9.10 -1.53 -6.10
N THR A 155 8.31 -0.72 -5.41
CA THR A 155 8.02 0.68 -5.75
C THR A 155 8.58 1.67 -4.70
N GLY A 156 8.83 1.17 -3.49
CA GLY A 156 9.17 1.99 -2.33
C GLY A 156 8.03 2.78 -1.67
N HIS A 157 6.79 2.39 -1.98
CA HIS A 157 5.61 3.03 -1.41
C HIS A 157 5.41 2.79 0.07
N ASP A 158 6.09 1.79 0.66
CA ASP A 158 5.72 1.31 2.00
C ASP A 158 5.74 2.35 3.11
N TYR A 159 4.58 2.55 3.74
CA TYR A 159 4.43 3.54 4.80
C TYR A 159 5.20 3.18 6.05
N LEU A 160 5.57 1.91 6.20
CA LEU A 160 6.20 1.41 7.42
C LEU A 160 7.69 1.17 7.23
N GLY A 161 8.23 1.60 6.09
CA GLY A 161 9.65 1.40 5.80
C GLY A 161 10.06 -0.04 5.50
N LYS A 162 9.07 -0.89 5.23
CA LYS A 162 9.31 -2.33 5.06
C LYS A 162 10.13 -2.69 3.79
N SER A 163 10.33 -1.71 2.91
CA SER A 163 11.14 -1.88 1.72
C SER A 163 12.50 -1.12 1.70
N THR A 164 12.95 -0.59 2.85
CA THR A 164 14.37 -0.22 3.06
C THR A 164 14.99 -1.00 4.22
N GLY A 165 16.30 -0.85 4.38
CA GLY A 165 17.05 -1.39 5.50
C GLY A 165 18.51 -0.99 5.41
N LYS A 166 19.01 -0.36 6.47
CA LYS A 166 20.41 0.03 6.59
C LYS A 166 21.31 -1.20 6.43
N GLY A 167 22.37 -1.05 5.61
CA GLY A 167 23.35 -2.10 5.37
C GLY A 167 22.87 -3.31 4.59
N ALA A 168 21.77 -3.15 3.87
CA ALA A 168 21.09 -4.28 3.23
C ALA A 168 21.42 -4.44 1.75
N LEU A 169 21.31 -5.69 1.30
CA LEU A 169 21.22 -6.01 -0.11
C LEU A 169 19.74 -6.08 -0.46
N SER A 170 19.33 -5.27 -1.42
CA SER A 170 17.91 -5.16 -1.78
C SER A 170 17.59 -5.89 -3.08
N LEU A 171 16.52 -6.69 -3.06
CA LEU A 171 16.02 -7.34 -4.24
C LEU A 171 15.02 -6.38 -4.86
N TRP A 172 15.45 -5.76 -5.95
CA TRP A 172 14.68 -4.70 -6.57
C TRP A 172 13.89 -5.29 -7.70
N MET A 173 12.57 -5.34 -7.52
CA MET A 173 11.64 -6.10 -8.36
C MET A 173 10.94 -5.23 -9.40
N HIS A 174 11.19 -3.93 -9.33
CA HIS A 174 10.53 -2.89 -10.14
C HIS A 174 10.46 -3.14 -11.64
N ASN A 175 11.48 -3.82 -12.18
CA ASN A 175 11.63 -3.95 -13.62
C ASN A 175 11.07 -5.26 -14.17
N LEU A 176 10.44 -6.06 -13.32
CA LEU A 176 9.79 -7.29 -13.76
C LEU A 176 8.40 -6.90 -14.24
N LYS A 177 8.31 -6.47 -15.50
CA LYS A 177 7.11 -5.81 -16.04
C LYS A 177 6.26 -6.62 -17.02
N SER A 178 6.60 -7.90 -17.22
CA SER A 178 5.84 -8.78 -18.14
C SER A 178 4.35 -8.80 -17.82
N THR A 179 3.53 -8.80 -18.86
CA THR A 179 2.08 -8.94 -18.72
C THR A 179 1.56 -9.96 -19.76
N LYS A 180 0.68 -10.85 -19.31
CA LYS A 180 0.24 -11.95 -20.14
C LYS A 180 -1.26 -12.14 -19.99
N PHE A 181 -2.00 -11.95 -21.08
CA PHE A 181 -3.45 -12.17 -21.10
C PHE A 181 -3.75 -13.64 -21.28
N ILE A 182 -4.46 -14.20 -20.30
CA ILE A 182 -4.93 -15.59 -20.35
C ILE A 182 -6.46 -15.56 -20.55
N LYS A 183 -6.88 -15.86 -21.78
CA LYS A 183 -8.29 -15.79 -22.20
C LYS A 183 -9.19 -16.79 -21.47
N ASN A 184 -8.66 -17.98 -21.20
CA ASN A 184 -9.42 -19.08 -20.59
C ASN A 184 -8.64 -19.79 -19.50
N TYR A 185 -8.40 -19.08 -18.40
CA TYR A 185 -7.91 -19.71 -17.18
C TYR A 185 -8.91 -20.78 -16.75
N LYS A 186 -8.39 -21.99 -16.50
CA LYS A 186 -9.20 -23.15 -16.19
C LYS A 186 -8.74 -23.76 -14.89
N ALA A 187 -9.60 -23.63 -13.88
CA ALA A 187 -9.41 -24.21 -12.56
C ALA A 187 -10.80 -24.59 -12.06
N PRO A 188 -10.88 -25.53 -11.09
CA PRO A 188 -12.21 -25.85 -10.52
C PRO A 188 -12.91 -24.64 -9.89
N TYR A 189 -12.13 -23.78 -9.22
CA TYR A 189 -12.61 -22.61 -8.48
C TYR A 189 -12.58 -21.29 -9.28
N TYR A 190 -12.04 -21.33 -10.49
CA TYR A 190 -12.09 -20.17 -11.38
C TYR A 190 -12.00 -20.56 -12.85
N LYS A 191 -12.93 -20.04 -13.63
CA LYS A 191 -12.90 -20.14 -15.08
C LYS A 191 -13.27 -18.79 -15.67
N GLY A 192 -12.33 -18.24 -16.44
CA GLY A 192 -12.52 -16.97 -17.12
C GLY A 192 -11.21 -16.27 -17.42
N PRO A 193 -11.28 -14.99 -17.84
CA PRO A 193 -10.05 -14.28 -18.20
C PRO A 193 -9.18 -14.09 -16.96
N ALA A 194 -7.87 -14.03 -17.20
CA ALA A 194 -6.87 -13.77 -16.17
C ALA A 194 -5.68 -13.02 -16.77
N ALA A 195 -4.90 -12.42 -15.89
CA ALA A 195 -3.67 -11.73 -16.28
C ALA A 195 -2.53 -12.22 -15.38
N LYS A 196 -1.46 -12.68 -16.01
CA LYS A 196 -0.22 -12.97 -15.29
C LYS A 196 0.63 -11.69 -15.36
N LEU A 197 1.07 -11.21 -14.19
CA LEU A 197 1.77 -9.93 -14.11
C LEU A 197 3.07 -10.06 -13.35
N GLY A 198 4.16 -9.54 -13.93
CA GLY A 198 5.46 -9.55 -13.26
C GLY A 198 5.44 -8.70 -11.99
N ALA A 199 6.35 -9.01 -11.06
CA ALA A 199 6.37 -8.41 -9.73
C ALA A 199 6.46 -6.87 -9.67
N GLY A 200 6.99 -6.25 -10.72
CA GLY A 200 7.14 -4.80 -10.79
C GLY A 200 5.99 -4.07 -11.48
N VAL A 201 4.98 -4.81 -11.93
CA VAL A 201 3.82 -4.18 -12.60
C VAL A 201 3.09 -3.26 -11.61
N GLU A 202 2.93 -2.00 -12.03
CA GLU A 202 2.28 -0.97 -11.22
C GLU A 202 0.83 -0.80 -11.65
N GLY A 203 0.01 -0.21 -10.78
CA GLY A 203 -1.42 -0.04 -11.03
C GLY A 203 -1.78 0.44 -12.43
N PHE A 204 -1.09 1.49 -12.89
CA PHE A 204 -1.30 2.08 -14.23
C PHE A 204 -0.98 1.14 -15.40
N GLU A 205 0.03 0.30 -15.20
CA GLU A 205 0.39 -0.73 -16.16
C GLU A 205 -0.66 -1.84 -16.19
N ALA A 206 -1.06 -2.32 -15.00
CA ALA A 206 -2.15 -3.30 -14.88
C ALA A 206 -3.44 -2.80 -15.56
N TYR A 207 -3.78 -1.52 -15.37
CA TYR A 207 -5.01 -0.93 -15.94
C TYR A 207 -4.95 -0.76 -17.45
N ALA A 208 -3.81 -0.30 -17.97
CA ALA A 208 -3.57 -0.23 -19.41
C ALA A 208 -3.71 -1.60 -20.05
N MET A 209 -3.14 -2.63 -19.42
CA MET A 209 -3.15 -3.99 -19.91
C MET A 209 -4.56 -4.62 -19.88
N ALA A 210 -5.26 -4.45 -18.75
CA ALA A 210 -6.62 -4.95 -18.62
C ALA A 210 -7.56 -4.26 -19.60
N ASN A 211 -7.49 -2.91 -19.68
CA ASN A 211 -8.34 -2.15 -20.59
C ASN A 211 -8.23 -2.62 -22.04
N SER A 212 -7.00 -2.88 -22.50
CA SER A 212 -6.73 -3.23 -23.90
C SER A 212 -7.41 -4.54 -24.33
N THR A 213 -7.77 -5.36 -23.34
CA THR A 213 -8.44 -6.65 -23.57
C THR A 213 -9.98 -6.61 -23.32
N GLY A 214 -10.50 -5.47 -22.90
CA GLY A 214 -11.92 -5.31 -22.57
C GLY A 214 -12.25 -5.81 -21.16
N HIS A 215 -11.31 -5.62 -20.23
CA HIS A 215 -11.42 -6.10 -18.84
C HIS A 215 -11.03 -5.07 -17.76
N ARG A 216 -11.42 -5.35 -16.52
CA ARG A 216 -11.02 -4.59 -15.33
C ARG A 216 -10.19 -5.49 -14.44
N ILE A 217 -9.23 -4.89 -13.73
CA ILE A 217 -8.47 -5.59 -12.67
C ILE A 217 -8.58 -4.81 -11.34
N VAL A 218 -8.63 -5.56 -10.25
CA VAL A 218 -8.69 -5.01 -8.88
C VAL A 218 -7.31 -4.48 -8.45
N GLY A 219 -7.24 -3.15 -8.29
CA GLY A 219 -6.02 -2.47 -7.90
C GLY A 219 -6.27 -1.19 -7.17
N GLY A 220 -5.20 -0.60 -6.66
CA GLY A 220 -5.28 0.61 -5.81
C GLY A 220 -5.63 1.90 -6.53
N THR A 221 -5.96 2.91 -5.74
CA THR A 221 -6.39 4.19 -6.26
C THR A 221 -5.19 5.05 -6.60
N CYS A 222 -4.05 4.69 -6.00
CA CYS A 222 -2.81 5.38 -6.27
C CYS A 222 -2.13 4.63 -7.45
N PRO A 223 -2.07 5.26 -8.65
CA PRO A 223 -1.65 4.53 -9.88
C PRO A 223 -0.25 3.92 -9.86
N THR A 224 0.67 4.53 -9.12
CA THR A 224 2.08 4.10 -9.06
C THR A 224 2.31 2.93 -8.11
N VAL A 225 1.28 2.55 -7.35
CA VAL A 225 1.36 1.41 -6.41
C VAL A 225 1.60 0.08 -7.13
N GLY A 226 2.50 -0.74 -6.58
CA GLY A 226 2.82 -2.04 -7.16
C GLY A 226 1.77 -3.09 -6.85
N ILE A 227 0.96 -3.43 -7.87
CA ILE A 227 -0.18 -4.35 -7.74
C ILE A 227 0.19 -5.76 -7.28
N VAL A 228 1.35 -6.25 -7.69
CA VAL A 228 1.83 -7.61 -7.39
C VAL A 228 2.61 -7.63 -6.07
N GLY A 229 3.01 -6.44 -5.60
CA GLY A 229 3.84 -6.32 -4.41
C GLY A 229 3.06 -6.34 -3.11
N GLY A 230 3.41 -5.43 -2.20
CA GLY A 230 2.80 -5.34 -0.87
C GLY A 230 1.32 -5.05 -0.91
N TYR A 231 0.86 -4.44 -2.00
CA TYR A 231 -0.56 -4.16 -2.24
C TYR A 231 -1.46 -5.43 -2.17
N THR A 232 -1.26 -6.36 -3.10
CA THR A 232 -2.07 -7.58 -3.11
C THR A 232 -1.67 -8.48 -1.95
N GLN A 233 -0.37 -8.59 -1.68
CA GLN A 233 0.12 -9.46 -0.62
C GLN A 233 -0.40 -9.09 0.78
N GLY A 234 -0.62 -7.79 1.00
CA GLY A 234 -1.15 -7.32 2.28
C GLY A 234 -2.67 -7.14 2.34
N GLY A 235 -3.37 -7.52 1.29
CA GLY A 235 -4.81 -7.30 1.23
C GLY A 235 -5.19 -6.64 -0.07
N GLY A 236 -5.23 -5.31 -0.04
CA GLY A 236 -5.41 -4.51 -1.25
C GLY A 236 -6.85 -4.11 -1.51
N HIS A 237 -7.22 -2.93 -1.03
CA HIS A 237 -8.55 -2.42 -1.34
C HIS A 237 -8.57 -1.61 -2.63
N SER A 238 -9.78 -1.38 -3.15
CA SER A 238 -10.01 -0.84 -4.48
C SER A 238 -11.41 -0.30 -4.51
N ILE A 239 -11.64 0.67 -5.40
CA ILE A 239 -13.00 1.19 -5.67
C ILE A 239 -13.89 0.11 -6.33
N LEU A 240 -13.25 -0.98 -6.76
CA LEU A 240 -13.91 -2.09 -7.41
C LEU A 240 -14.17 -3.26 -6.44
N SER A 241 -13.79 -3.08 -5.18
CA SER A 241 -13.88 -4.17 -4.21
C SER A 241 -15.31 -4.61 -3.87
N SER A 242 -16.27 -3.69 -3.95
CA SER A 242 -17.68 -4.02 -3.74
C SER A 242 -18.22 -4.92 -4.85
N SER A 243 -17.58 -4.85 -6.02
CA SER A 243 -17.94 -5.69 -7.14
C SER A 243 -17.14 -7.00 -7.16
N TYR A 244 -15.85 -6.95 -6.80
CA TYR A 244 -14.98 -8.13 -6.97
C TYR A 244 -14.10 -8.59 -5.80
N GLY A 245 -14.35 -8.04 -4.61
CA GLY A 245 -13.56 -8.40 -3.45
C GLY A 245 -12.25 -7.63 -3.38
N VAL A 246 -11.43 -7.93 -2.38
CA VAL A 246 -10.11 -7.31 -2.24
C VAL A 246 -9.15 -7.91 -3.25
N ALA A 247 -8.04 -7.24 -3.51
CA ALA A 247 -6.99 -7.72 -4.42
C ALA A 247 -6.64 -9.20 -4.21
N ALA A 248 -6.36 -9.57 -2.95
CA ALA A 248 -5.93 -10.91 -2.57
C ALA A 248 -6.95 -12.04 -2.90
N ASP A 249 -8.24 -11.68 -2.94
CA ASP A 249 -9.36 -12.55 -3.33
C ASP A 249 -9.26 -12.96 -4.78
N ASN A 250 -8.65 -12.09 -5.58
CA ASN A 250 -8.55 -12.27 -7.02
C ASN A 250 -7.27 -12.96 -7.46
N VAL A 251 -6.43 -13.37 -6.51
CA VAL A 251 -5.21 -14.08 -6.84
C VAL A 251 -5.48 -15.54 -7.19
N LEU A 252 -4.92 -15.96 -8.32
CA LEU A 252 -5.00 -17.36 -8.73
C LEU A 252 -3.72 -18.11 -8.40
N GLU A 253 -2.58 -17.48 -8.69
CA GLU A 253 -1.26 -18.10 -8.55
C GLU A 253 -0.26 -17.07 -8.11
N TRP A 254 0.73 -17.52 -7.33
CA TRP A 254 1.93 -16.75 -7.01
C TRP A 254 3.11 -17.56 -7.54
N GLU A 255 3.97 -16.89 -8.30
CA GLU A 255 5.25 -17.45 -8.68
C GLU A 255 6.31 -16.80 -7.80
N VAL A 256 7.12 -17.62 -7.15
CA VAL A 256 8.01 -17.21 -6.08
C VAL A 256 9.38 -17.88 -6.11
N VAL A 257 10.33 -17.25 -5.42
CA VAL A 257 11.55 -17.88 -4.95
C VAL A 257 11.53 -17.86 -3.42
N THR A 258 11.72 -19.01 -2.82
CA THR A 258 11.75 -19.15 -1.38
C THR A 258 13.16 -18.86 -0.87
N ALA A 259 13.28 -18.69 0.45
CA ALA A 259 14.54 -18.38 1.13
C ALA A 259 15.70 -19.31 0.76
N ASP A 260 15.40 -20.61 0.62
CA ASP A 260 16.42 -21.58 0.23
C ASP A 260 16.65 -21.62 -1.30
N GLY A 261 15.99 -20.73 -2.04
CA GLY A 261 16.23 -20.57 -3.47
C GLY A 261 15.39 -21.44 -4.39
N ARG A 262 14.35 -22.09 -3.86
CA ARG A 262 13.45 -22.90 -4.68
C ARG A 262 12.49 -22.00 -5.44
N HIS A 263 12.46 -22.15 -6.76
CA HIS A 263 11.56 -21.42 -7.64
C HIS A 263 10.24 -22.21 -7.69
N LEU A 264 9.19 -21.66 -7.09
CA LEU A 264 7.91 -22.37 -6.93
C LEU A 264 6.70 -21.58 -7.41
N VAL A 265 5.62 -22.31 -7.69
CA VAL A 265 4.30 -21.73 -7.94
C VAL A 265 3.39 -22.18 -6.79
N ALA A 266 2.69 -21.19 -6.20
CA ALA A 266 1.72 -21.39 -5.12
C ALA A 266 0.33 -21.07 -5.64
N THR A 267 -0.58 -22.03 -5.44
CA THR A 267 -1.95 -21.96 -5.92
C THR A 267 -2.84 -22.55 -4.81
N PRO A 268 -4.18 -22.42 -4.93
CA PRO A 268 -5.05 -23.12 -3.97
C PRO A 268 -4.87 -24.65 -3.94
N THR A 269 -4.36 -25.24 -5.02
CA THR A 269 -4.09 -26.68 -5.06
C THR A 269 -2.60 -27.10 -5.17
N ARG A 270 -1.67 -26.17 -4.90
CA ARG A 270 -0.21 -26.47 -4.94
C ARG A 270 0.54 -25.50 -4.04
N ASN A 271 1.28 -26.04 -3.07
CA ASN A 271 1.90 -25.28 -1.98
C ASN A 271 0.88 -24.33 -1.36
N SER A 272 -0.30 -24.88 -1.06
CA SER A 272 -1.51 -24.09 -0.83
C SER A 272 -1.40 -23.22 0.40
N ASP A 273 -0.61 -23.68 1.36
CA ASP A 273 -0.39 -23.00 2.62
C ASP A 273 0.42 -21.71 2.36
N LEU A 274 1.40 -21.78 1.45
CA LEU A 274 2.10 -20.59 0.97
C LEU A 274 1.18 -19.65 0.19
N TYR A 275 0.31 -20.21 -0.64
CA TYR A 275 -0.67 -19.42 -1.39
C TYR A 275 -1.56 -18.61 -0.42
N TRP A 276 -1.98 -19.28 0.66
CA TRP A 276 -2.85 -18.73 1.71
C TRP A 276 -2.19 -17.50 2.41
N ALA A 277 -0.96 -17.70 2.91
CA ALA A 277 -0.12 -16.70 3.54
C ALA A 277 0.16 -15.50 2.65
N LEU A 278 0.54 -15.76 1.39
CA LEU A 278 0.82 -14.69 0.43
C LEU A 278 -0.40 -13.85 0.03
N SER A 279 -1.59 -14.45 0.13
CA SER A 279 -2.83 -13.79 -0.29
C SER A 279 -3.48 -13.04 0.91
N GLY A 280 -2.84 -11.95 1.34
CA GLY A 280 -3.35 -11.13 2.45
C GLY A 280 -2.55 -11.19 3.73
N GLY A 281 -1.54 -12.06 3.78
CA GLY A 281 -0.66 -12.18 4.96
C GLY A 281 0.49 -11.17 5.03
N GLY A 282 0.58 -10.30 4.03
CA GLY A 282 1.63 -9.28 3.96
C GLY A 282 2.86 -9.64 3.14
N GLY A 283 3.42 -8.63 2.46
CA GLY A 283 4.63 -8.77 1.63
C GLY A 283 5.93 -8.90 2.38
N GLY A 284 6.94 -9.43 1.71
CA GLY A 284 8.32 -9.32 2.17
C GLY A 284 8.74 -10.22 3.30
N THR A 285 7.88 -11.16 3.68
CA THR A 285 8.25 -12.08 4.76
C THR A 285 8.22 -13.57 4.40
N PHE A 286 7.34 -13.96 3.50
CA PHE A 286 7.14 -15.39 3.17
C PHE A 286 8.03 -15.94 2.06
N ALA A 287 8.23 -15.12 1.02
CA ALA A 287 8.96 -15.50 -0.20
C ALA A 287 9.12 -14.28 -1.10
N VAL A 288 10.03 -14.38 -2.08
CA VAL A 288 10.20 -13.34 -3.08
C VAL A 288 9.26 -13.65 -4.24
N VAL A 289 8.34 -12.74 -4.52
CA VAL A 289 7.35 -12.95 -5.58
C VAL A 289 7.90 -12.43 -6.91
N LEU A 290 7.85 -13.28 -7.93
CA LEU A 290 8.26 -12.92 -9.29
C LEU A 290 7.10 -12.51 -10.18
N SER A 291 5.93 -13.09 -9.92
CA SER A 291 4.72 -12.73 -10.63
C SER A 291 3.53 -13.23 -9.84
N MET A 292 2.36 -12.69 -10.18
CA MET A 292 1.07 -13.25 -9.75
C MET A 292 0.19 -13.45 -10.98
N THR A 293 -0.70 -14.41 -10.89
CA THR A 293 -1.76 -14.55 -11.86
C THR A 293 -3.03 -14.19 -11.12
N ALA A 294 -3.85 -13.34 -11.74
CA ALA A 294 -5.06 -12.86 -11.11
C ALA A 294 -6.20 -12.74 -12.09
N ARG A 295 -7.39 -12.92 -11.54
CA ARG A 295 -8.66 -12.73 -12.24
C ARG A 295 -8.78 -11.37 -12.95
N LEU A 296 -9.24 -11.42 -14.19
CA LEU A 296 -9.72 -10.24 -14.89
C LEU A 296 -11.23 -10.31 -14.96
N HIS A 297 -11.88 -9.16 -15.08
CA HIS A 297 -13.33 -9.11 -15.06
C HIS A 297 -13.82 -8.34 -16.28
N ARG A 298 -14.91 -8.79 -16.89
CA ARG A 298 -15.46 -8.13 -18.07
C ARG A 298 -15.74 -6.65 -17.81
N ASP A 299 -15.22 -5.79 -18.69
CA ASP A 299 -15.41 -4.35 -18.58
C ASP A 299 -16.74 -3.94 -19.20
N GLY A 300 -17.16 -2.70 -18.94
CA GLY A 300 -18.37 -2.13 -19.51
C GLY A 300 -18.55 -0.76 -18.91
N ILE A 301 -19.65 -0.12 -19.28
CA ILE A 301 -20.12 1.15 -18.71
C ILE A 301 -19.86 1.23 -17.19
N VAL A 302 -19.30 2.36 -16.73
CA VAL A 302 -19.10 2.62 -15.29
C VAL A 302 -19.72 3.96 -14.93
N GLY A 303 -20.70 3.91 -14.03
CA GLY A 303 -21.33 5.11 -13.48
C GLY A 303 -20.45 5.80 -12.45
N GLY A 304 -20.45 7.13 -12.49
CA GLY A 304 -19.59 7.91 -11.61
C GLY A 304 -20.27 9.17 -11.12
N THR A 305 -19.76 9.69 -10.01
CA THR A 305 -20.19 11.00 -9.53
C THR A 305 -19.18 11.67 -8.62
N LEU A 306 -19.21 12.99 -8.63
CA LEU A 306 -18.78 13.79 -7.50
C LEU A 306 -20.02 14.00 -6.64
N LEU A 307 -19.86 13.78 -5.34
CA LEU A 307 -20.88 14.14 -4.36
C LEU A 307 -20.22 14.84 -3.18
N GLY A 308 -20.49 16.15 -3.06
CA GLY A 308 -19.91 16.98 -2.02
C GLY A 308 -20.92 17.80 -1.26
N PHE A 309 -20.64 18.03 0.03
CA PHE A 309 -21.45 18.91 0.88
C PHE A 309 -20.60 19.53 1.99
N ASN A 310 -21.04 20.67 2.51
CA ASN A 310 -20.30 21.41 3.53
C ASN A 310 -21.17 22.02 4.66
N ASP A 311 -20.56 22.84 5.52
CA ASP A 311 -21.27 23.43 6.66
C ASP A 311 -21.67 24.92 6.53
N SER A 312 -21.42 25.48 5.34
CA SER A 312 -21.63 26.91 5.05
C SER A 312 -23.07 27.41 5.11
N ALA A 313 -24.02 26.48 5.17
CA ALA A 313 -25.45 26.80 5.18
C ALA A 313 -26.17 26.25 6.41
N VAL A 314 -25.57 25.25 7.06
CA VAL A 314 -26.25 24.53 8.15
C VAL A 314 -25.51 24.57 9.50
N GLY A 315 -24.25 24.99 9.47
CA GLY A 315 -23.38 24.97 10.64
C GLY A 315 -22.74 23.60 10.82
N ASN A 316 -21.69 23.55 11.62
CA ASN A 316 -20.85 22.36 11.77
C ASN A 316 -21.54 21.16 12.40
N GLU A 317 -22.49 21.44 13.30
CA GLU A 317 -23.22 20.38 13.99
C GLU A 317 -24.11 19.53 13.08
N VAL A 318 -24.81 20.20 12.15
CA VAL A 318 -25.67 19.53 11.16
C VAL A 318 -24.80 18.79 10.14
N TYR A 319 -23.67 19.39 9.77
CA TYR A 319 -22.65 18.76 8.91
C TYR A 319 -22.25 17.38 9.42
N TRP A 320 -21.90 17.27 10.71
CA TRP A 320 -21.44 16.00 11.28
C TRP A 320 -22.54 14.94 11.41
N GLU A 321 -23.77 15.39 11.61
CA GLU A 321 -24.93 14.51 11.58
C GLU A 321 -25.18 13.99 10.16
N ALA A 322 -24.88 14.84 9.17
CA ALA A 322 -25.08 14.49 7.76
C ALA A 322 -24.04 13.46 7.26
N VAL A 323 -22.84 13.52 7.84
CA VAL A 323 -21.75 12.57 7.59
C VAL A 323 -22.08 11.22 8.24
N ALA A 324 -22.48 11.27 9.51
CA ALA A 324 -23.08 10.12 10.22
C ALA A 324 -24.17 9.41 9.38
N ALA A 325 -25.07 10.20 8.79
CA ALA A 325 -26.18 9.70 7.97
C ALA A 325 -25.73 9.16 6.62
N PHE A 326 -24.80 9.87 5.97
CA PHE A 326 -24.13 9.40 4.74
C PHE A 326 -23.55 8.00 4.95
N HIS A 327 -22.87 7.82 6.09
CA HIS A 327 -22.31 6.54 6.49
C HIS A 327 -23.38 5.47 6.64
N ALA A 328 -24.44 5.80 7.39
CA ALA A 328 -25.58 4.90 7.60
C ALA A 328 -26.30 4.54 6.29
N LEU A 329 -26.18 5.40 5.28
CA LEU A 329 -26.86 5.16 3.99
C LEU A 329 -26.08 4.32 2.96
N LEU A 330 -24.80 4.11 3.25
CA LEU A 330 -23.92 3.29 2.41
C LEU A 330 -24.31 1.82 2.18
N PRO A 331 -24.74 1.08 3.23
CA PRO A 331 -24.98 -0.38 3.10
C PRO A 331 -25.61 -0.90 1.80
N ASP A 332 -26.79 -0.39 1.42
CA ASP A 332 -27.47 -0.85 0.18
C ASP A 332 -26.74 -0.45 -1.10
N PHE A 333 -26.07 0.68 -1.06
CA PHE A 333 -25.26 1.17 -2.17
C PHE A 333 -24.05 0.26 -2.40
N LEU A 334 -23.38 -0.11 -1.32
CA LEU A 334 -22.22 -1.00 -1.39
C LEU A 334 -22.56 -2.45 -1.75
N ASP A 335 -23.69 -2.95 -1.23
CA ASP A 335 -24.20 -4.29 -1.53
C ASP A 335 -24.61 -4.48 -3.00
N GLY A 336 -24.86 -3.37 -3.69
CA GLY A 336 -25.19 -3.38 -5.12
C GLY A 336 -23.96 -3.40 -6.02
N GLY A 337 -22.77 -3.50 -5.43
CA GLY A 337 -21.50 -3.56 -6.16
C GLY A 337 -20.78 -2.24 -6.35
N ASN A 338 -21.24 -1.20 -5.63
CA ASN A 338 -20.74 0.17 -5.79
C ASN A 338 -19.84 0.59 -4.63
N SER A 339 -19.12 1.71 -4.80
CA SER A 339 -18.27 2.25 -3.74
C SER A 339 -18.23 3.77 -3.73
N PHE A 340 -17.96 4.32 -2.55
CA PHE A 340 -17.55 5.71 -2.41
C PHE A 340 -16.15 5.80 -1.86
N THR A 341 -15.31 6.55 -2.57
CA THR A 341 -14.04 7.02 -2.04
C THR A 341 -14.21 8.52 -1.74
N TYR A 342 -13.86 8.93 -0.53
CA TYR A 342 -14.17 10.27 -0.09
C TYR A 342 -13.16 10.90 0.86
N SER A 343 -13.17 12.23 0.89
CA SER A 343 -12.35 13.05 1.77
C SER A 343 -13.23 13.59 2.90
N VAL A 344 -12.81 13.35 4.13
CA VAL A 344 -13.54 13.86 5.29
C VAL A 344 -12.74 15.05 5.85
N GLY A 345 -13.28 16.25 5.67
CA GLY A 345 -12.71 17.46 6.28
C GLY A 345 -13.53 17.97 7.45
N ASN A 346 -12.98 18.94 8.18
CA ASN A 346 -13.61 19.56 9.36
C ASN A 346 -14.91 20.31 9.02
N ASN A 347 -15.05 20.73 7.76
CA ASN A 347 -16.18 21.55 7.31
C ASN A 347 -16.84 21.05 6.03
N SER A 348 -16.17 20.16 5.29
CA SER A 348 -16.73 19.61 4.05
C SER A 348 -16.34 18.16 3.80
N LEU A 349 -17.20 17.46 3.06
CA LEU A 349 -16.96 16.08 2.59
C LEU A 349 -17.08 16.04 1.06
N THR A 350 -16.07 15.46 0.43
CA THR A 350 -16.04 15.33 -1.02
C THR A 350 -15.88 13.87 -1.36
N ALA A 351 -16.85 13.34 -2.09
CA ALA A 351 -16.88 11.92 -2.43
C ALA A 351 -16.88 11.72 -3.93
N TYR A 352 -16.19 10.66 -4.34
CA TYR A 352 -16.24 10.17 -5.71
C TYR A 352 -16.87 8.79 -5.72
N GLY A 353 -17.94 8.67 -6.51
CA GLY A 353 -18.70 7.43 -6.62
C GLY A 353 -18.28 6.54 -7.77
N THR A 354 -18.29 5.23 -7.53
CA THR A 354 -17.97 4.21 -8.52
C THR A 354 -19.13 3.20 -8.59
N MET A 355 -19.80 3.18 -9.73
CA MET A 355 -21.04 2.42 -9.90
C MET A 355 -20.98 1.53 -11.15
N PRO A 356 -20.23 0.40 -11.09
CA PRO A 356 -19.99 -0.41 -12.31
C PRO A 356 -21.27 -0.90 -12.98
N GLY A 357 -21.34 -0.74 -14.29
CA GLY A 357 -22.50 -1.17 -15.07
C GLY A 357 -23.76 -0.31 -14.95
N ALA A 358 -23.65 0.82 -14.24
CA ALA A 358 -24.80 1.71 -14.03
C ALA A 358 -24.83 2.82 -15.06
N ASP A 359 -25.94 2.96 -15.77
CA ASP A 359 -26.13 4.13 -16.64
C ASP A 359 -26.66 5.32 -15.83
N ARG A 360 -27.00 6.41 -16.52
CA ARG A 360 -27.39 7.66 -15.89
C ARG A 360 -28.67 7.57 -15.03
N ASP A 361 -29.66 6.81 -15.50
CA ASP A 361 -30.88 6.58 -14.71
C ASP A 361 -30.57 5.75 -13.46
N ALA A 362 -29.65 4.80 -13.59
CA ALA A 362 -29.23 3.93 -12.49
C ALA A 362 -28.39 4.69 -11.45
N VAL A 363 -27.46 5.52 -11.92
CA VAL A 363 -26.71 6.45 -11.06
C VAL A 363 -27.67 7.30 -10.22
N ASP A 364 -28.64 7.95 -10.88
CA ASP A 364 -29.65 8.78 -10.22
C ASP A 364 -30.44 8.05 -9.13
N ARG A 365 -30.88 6.83 -9.43
CA ARG A 365 -31.60 5.99 -8.44
C ARG A 365 -30.69 5.61 -7.27
N LEU A 366 -29.41 5.32 -7.58
CA LEU A 366 -28.41 4.99 -6.57
C LEU A 366 -28.07 6.18 -5.65
N LEU A 367 -28.08 7.38 -6.21
CA LEU A 367 -27.72 8.57 -5.47
C LEU A 367 -28.88 9.18 -4.66
N ARG A 368 -30.11 8.89 -5.09
CA ARG A 368 -31.33 9.47 -4.53
C ARG A 368 -31.52 9.35 -3.00
N PRO A 369 -31.12 8.21 -2.37
CA PRO A 369 -31.22 8.20 -0.89
C PRO A 369 -30.29 9.21 -0.21
N PHE A 370 -29.04 9.29 -0.67
CA PHE A 370 -28.03 10.22 -0.15
C PHE A 370 -28.46 11.67 -0.35
N LEU A 371 -28.97 11.99 -1.53
CA LEU A 371 -29.42 13.35 -1.89
C LEU A 371 -30.67 13.80 -1.12
N ASP A 372 -31.60 12.86 -0.88
CA ASP A 372 -32.78 13.13 -0.07
C ASP A 372 -32.41 13.41 1.39
N ASP A 373 -31.44 12.66 1.92
CA ASP A 373 -31.00 12.84 3.31
C ASP A 373 -30.42 14.23 3.53
N LEU A 374 -29.54 14.64 2.61
CA LEU A 374 -28.95 15.98 2.63
C LEU A 374 -30.02 17.08 2.49
N ALA A 375 -30.94 16.90 1.53
CA ALA A 375 -32.07 17.81 1.32
C ALA A 375 -32.88 18.02 2.61
N SER A 376 -33.20 16.92 3.31
CA SER A 376 -33.99 16.98 4.56
C SER A 376 -33.25 17.68 5.71
N ARG A 377 -31.94 17.84 5.55
CA ARG A 377 -31.09 18.45 6.56
C ARG A 377 -30.68 19.88 6.18
N GLY A 378 -31.30 20.42 5.13
CA GLY A 378 -31.07 21.77 4.65
C GLY A 378 -29.74 21.98 3.92
N ILE A 379 -29.16 20.88 3.41
CA ILE A 379 -27.90 20.93 2.67
C ILE A 379 -28.16 20.84 1.16
N THR A 380 -27.58 21.77 0.41
CA THR A 380 -27.52 21.70 -1.05
C THR A 380 -26.17 21.07 -1.41
N PRO A 381 -26.18 19.80 -1.83
CA PRO A 381 -24.91 19.17 -2.22
C PRO A 381 -24.40 19.64 -3.58
N VAL A 382 -23.13 19.33 -3.86
CA VAL A 382 -22.57 19.41 -5.21
C VAL A 382 -22.63 17.99 -5.77
N VAL A 383 -23.41 17.82 -6.82
CA VAL A 383 -23.66 16.51 -7.42
C VAL A 383 -23.30 16.62 -8.89
N GLN A 384 -22.33 15.82 -9.33
CA GLN A 384 -21.91 15.81 -10.72
C GLN A 384 -21.83 14.37 -11.22
N PRO A 385 -23.00 13.81 -11.64
CA PRO A 385 -23.04 12.45 -12.15
C PRO A 385 -22.47 12.38 -13.56
N ARG A 386 -21.93 11.22 -13.92
CA ARG A 386 -21.50 10.91 -15.28
C ARG A 386 -21.56 9.40 -15.51
N VAL A 387 -21.36 9.01 -16.78
CA VAL A 387 -21.20 7.61 -17.15
C VAL A 387 -19.96 7.51 -18.06
N SER A 388 -18.98 6.71 -17.63
CA SER A 388 -17.79 6.42 -18.46
C SER A 388 -18.03 5.15 -19.29
N THR A 389 -17.45 5.13 -20.50
CA THR A 389 -17.56 3.99 -21.42
C THR A 389 -16.94 2.72 -20.85
N ASN A 390 -15.87 2.89 -20.08
CA ASN A 390 -15.07 1.80 -19.54
C ASN A 390 -14.57 2.18 -18.16
N TYR A 391 -13.90 1.23 -17.49
CA TYR A 391 -13.36 1.47 -16.17
C TYR A 391 -12.14 2.41 -16.15
N TYR A 392 -11.20 2.19 -17.08
CA TYR A 392 -9.98 2.99 -17.19
C TYR A 392 -10.33 4.49 -17.19
N ASP A 393 -11.25 4.87 -18.09
CA ASP A 393 -11.76 6.24 -18.18
C ASP A 393 -12.32 6.77 -16.90
N HIS A 394 -13.16 5.96 -16.23
CA HIS A 394 -13.73 6.31 -14.93
C HIS A 394 -12.63 6.56 -13.90
N PHE A 395 -11.70 5.61 -13.79
CA PHE A 395 -10.59 5.70 -12.85
C PHE A 395 -9.82 7.02 -12.99
N PHE A 396 -9.39 7.34 -14.21
CA PHE A 396 -8.53 8.51 -14.41
C PHE A 396 -9.26 9.85 -14.52
N THR A 397 -10.59 9.81 -14.74
CA THR A 397 -11.42 11.01 -14.54
C THR A 397 -11.28 11.47 -13.09
N TYR A 398 -11.44 10.53 -12.16
CA TYR A 398 -11.48 10.84 -10.73
C TYR A 398 -10.14 10.82 -10.00
N LEU A 399 -9.19 10.01 -10.48
CA LEU A 399 -7.96 9.75 -9.75
C LEU A 399 -6.71 9.94 -10.63
N GLY A 400 -6.89 10.72 -11.70
CA GLY A 400 -5.82 11.01 -12.64
C GLY A 400 -4.95 12.18 -12.18
N PRO A 401 -4.25 12.84 -13.12
CA PRO A 401 -4.29 12.52 -14.57
C PRO A 401 -3.56 11.23 -14.95
N ALA A 402 -3.98 10.63 -16.07
CA ALA A 402 -3.32 9.45 -16.61
C ALA A 402 -1.93 9.82 -17.13
N PRO A 403 -0.92 8.96 -16.95
CA PRO A 403 -1.08 7.63 -16.35
C PRO A 403 -0.73 7.52 -14.87
N TYR A 404 0.07 8.47 -14.38
CA TYR A 404 0.73 8.32 -13.08
C TYR A 404 -0.06 8.80 -11.86
N GLY A 405 -1.09 9.62 -12.11
CA GLY A 405 -1.86 10.25 -11.03
C GLY A 405 -1.10 11.44 -10.43
N ASN A 406 -1.48 11.83 -9.22
CA ASN A 406 -0.86 12.94 -8.53
C ASN A 406 -0.96 12.75 -7.02
N ALA A 407 -0.73 11.52 -6.57
CA ALA A 407 -1.04 11.13 -5.19
C ALA A 407 0.05 11.55 -4.21
N ALA A 408 -0.28 12.54 -3.38
CA ALA A 408 0.56 13.02 -2.29
C ALA A 408 1.03 11.89 -1.40
N TYR A 409 2.26 11.97 -0.93
CA TYR A 409 2.78 10.99 -0.01
C TYR A 409 2.82 11.55 1.40
N PHE A 410 1.96 11.00 2.24
CA PHE A 410 1.93 11.34 3.66
C PHE A 410 2.55 10.18 4.44
N PRO A 411 3.71 10.41 5.07
CA PRO A 411 4.51 9.36 5.75
C PRO A 411 4.01 8.91 7.12
N PHE A 412 2.94 9.55 7.60
CA PHE A 412 2.32 9.20 8.87
C PHE A 412 0.87 8.73 8.63
N THR A 413 0.76 7.67 7.83
CA THR A 413 -0.53 7.12 7.44
C THR A 413 -0.96 6.09 8.49
N ASN A 414 -2.17 6.26 8.99
CA ASN A 414 -2.80 5.27 9.89
C ASN A 414 -4.09 4.80 9.26
N SER A 415 -4.71 3.77 9.84
CA SER A 415 -5.94 3.24 9.28
C SER A 415 -6.81 2.52 10.29
N ARG A 416 -8.09 2.52 9.99
CA ARG A 416 -8.99 1.62 10.65
C ARG A 416 -9.92 1.04 9.60
N ILE A 417 -10.06 -0.29 9.62
CA ILE A 417 -11.14 -0.97 8.94
C ILE A 417 -12.29 -0.93 9.94
N ILE A 418 -13.37 -0.28 9.53
CA ILE A 418 -14.53 0.01 10.39
C ILE A 418 -15.70 -0.94 10.04
N PRO A 419 -16.08 -1.84 10.97
CA PRO A 419 -17.23 -2.76 10.78
C PRO A 419 -18.53 -2.04 10.42
N ARG A 420 -19.29 -2.63 9.51
CA ARG A 420 -20.65 -2.19 9.17
C ARG A 420 -21.60 -2.04 10.38
N SER A 421 -21.48 -2.96 11.35
CA SER A 421 -22.39 -2.99 12.51
C SER A 421 -22.23 -1.75 13.41
N LEU A 422 -21.03 -1.19 13.43
CA LEU A 422 -20.76 0.07 14.15
C LEU A 422 -21.50 1.25 13.54
N VAL A 423 -21.47 1.34 12.21
CA VAL A 423 -22.11 2.41 11.46
C VAL A 423 -23.64 2.32 11.47
N THR A 424 -24.17 1.11 11.30
CA THR A 424 -25.63 0.93 11.17
C THR A 424 -26.42 1.06 12.48
N ASP A 425 -25.73 0.96 13.62
CA ASP A 425 -26.30 1.31 14.93
C ASP A 425 -25.98 2.78 15.30
N PRO A 426 -27.01 3.66 15.35
CA PRO A 426 -26.84 5.10 15.68
C PRO A 426 -25.96 5.40 16.91
N LYS A 427 -26.03 4.53 17.92
CA LYS A 427 -25.24 4.60 19.16
C LYS A 427 -23.73 4.51 18.90
N SER A 428 -23.31 3.40 18.30
CA SER A 428 -21.90 3.20 17.97
C SER A 428 -21.45 4.13 16.83
N ASN A 429 -22.37 4.47 15.93
CA ASN A 429 -22.11 5.43 14.84
C ASN A 429 -21.79 6.85 15.34
N ALA A 430 -22.38 7.22 16.48
CA ALA A 430 -22.10 8.50 17.13
C ALA A 430 -20.64 8.54 17.57
N VAL A 431 -20.16 7.44 18.19
CA VAL A 431 -18.74 7.29 18.54
C VAL A 431 -17.82 7.40 17.30
N VAL A 432 -18.19 6.72 16.21
CA VAL A 432 -17.45 6.81 14.94
C VAL A 432 -17.39 8.27 14.48
N THR A 433 -18.55 8.95 14.45
CA THR A 433 -18.62 10.37 14.07
C THR A 433 -17.75 11.24 14.98
N ASP A 434 -17.84 11.03 16.30
CA ASP A 434 -17.02 11.75 17.26
C ASP A 434 -15.49 11.54 17.07
N LEU A 435 -15.09 10.35 16.63
CA LEU A 435 -13.68 10.09 16.27
C LEU A 435 -13.23 10.99 15.11
N PHE A 436 -14.06 11.03 14.06
CA PHE A 436 -13.80 11.82 12.85
C PHE A 436 -13.74 13.32 13.13
N ARG A 437 -14.56 13.79 14.08
CA ARG A 437 -14.53 15.17 14.56
C ARG A 437 -13.20 15.48 15.23
N ASN A 438 -12.77 14.61 16.14
CA ASN A 438 -11.48 14.72 16.83
C ASN A 438 -10.26 14.80 15.89
N ILE A 439 -10.23 13.92 14.89
CA ILE A 439 -9.16 13.88 13.88
C ILE A 439 -9.17 15.17 13.04
N SER A 440 -10.38 15.65 12.71
CA SER A 440 -10.56 16.91 11.99
C SER A 440 -10.01 18.16 12.71
N GLN A 441 -9.65 18.03 13.99
CA GLN A 441 -9.07 19.15 14.77
C GLN A 441 -7.54 19.11 14.74
N VAL A 442 -7.00 18.03 14.18
CA VAL A 442 -5.55 17.81 14.09
C VAL A 442 -5.13 18.21 12.67
N PRO A 443 -4.58 19.44 12.48
CA PRO A 443 -4.41 20.02 11.12
C PRO A 443 -3.45 19.25 10.18
N ALA A 444 -2.45 18.57 10.74
CA ALA A 444 -1.57 17.71 9.94
C ALA A 444 -2.24 16.40 9.41
N PHE A 445 -3.37 16.03 10.00
CA PHE A 445 -4.05 14.77 9.69
C PHE A 445 -5.45 14.95 9.11
N SER A 446 -5.81 16.22 8.82
CA SER A 446 -7.10 16.59 8.26
C SER A 446 -6.92 17.39 6.96
N PRO A 447 -7.71 17.19 5.90
CA PRO A 447 -8.71 16.10 5.80
C PRO A 447 -8.03 14.73 5.67
N PHE A 448 -8.85 13.68 5.64
CA PHE A 448 -8.36 12.33 5.39
C PHE A 448 -9.33 11.55 4.52
N TYR A 449 -8.78 10.54 3.84
CA TYR A 449 -9.55 9.74 2.91
C TYR A 449 -10.16 8.52 3.57
N CYS A 450 -11.36 8.19 3.12
CA CYS A 450 -11.99 6.92 3.40
C CYS A 450 -12.40 6.22 2.13
N ASP A 451 -12.32 4.91 2.17
CA ASP A 451 -12.96 4.10 1.16
C ASP A 451 -14.06 3.27 1.78
N SER A 452 -15.07 2.96 0.97
CA SER A 452 -16.20 2.15 1.39
C SER A 452 -16.37 0.97 0.46
N PHE A 453 -16.78 -0.16 1.05
CA PHE A 453 -16.79 -1.45 0.35
C PHE A 453 -17.66 -2.48 1.08
N SER A 454 -18.18 -3.43 0.32
CA SER A 454 -18.74 -4.67 0.86
C SER A 454 -18.02 -5.84 0.17
N VAL A 455 -17.27 -6.62 0.94
CA VAL A 455 -16.44 -7.71 0.38
C VAL A 455 -16.76 -9.09 0.99
N ALA A 456 -17.94 -9.22 1.59
CA ALA A 456 -18.39 -10.49 2.13
C ALA A 456 -19.18 -11.27 1.06
N ASP A 457 -19.13 -12.59 1.15
CA ASP A 457 -20.03 -13.50 0.37
C ASP A 457 -19.88 -13.43 -1.17
N LYS A 458 -18.66 -13.13 -1.59
CA LYS A 458 -18.25 -13.29 -2.98
C LYS A 458 -17.33 -14.49 -3.04
N PRO A 459 -17.35 -15.23 -4.17
CA PRO A 459 -16.52 -16.42 -4.22
C PRO A 459 -15.06 -16.03 -4.41
N HIS A 460 -14.18 -16.63 -3.61
CA HIS A 460 -12.73 -16.48 -3.75
C HIS A 460 -12.15 -17.74 -3.10
N PRO A 461 -10.91 -18.13 -3.45
CA PRO A 461 -10.26 -19.21 -2.69
C PRO A 461 -9.98 -18.83 -1.24
N ALA A 462 -9.82 -19.83 -0.38
CA ALA A 462 -9.34 -19.61 0.99
C ALA A 462 -8.04 -18.76 0.96
N ASN A 463 -8.01 -17.75 1.82
CA ASN A 463 -6.83 -16.88 1.97
C ASN A 463 -6.73 -16.37 3.42
N SER A 464 -5.64 -15.67 3.73
CA SER A 464 -5.35 -15.21 5.11
C SER A 464 -5.86 -13.79 5.43
N LEU A 465 -6.64 -13.23 4.50
CA LEU A 465 -7.20 -11.90 4.65
C LEU A 465 -7.93 -11.77 5.98
N HIS A 466 -7.56 -10.74 6.75
CA HIS A 466 -8.13 -10.49 8.07
C HIS A 466 -9.68 -10.48 8.03
N PRO A 467 -10.34 -11.23 8.94
CA PRO A 467 -11.82 -11.30 8.94
C PRO A 467 -12.55 -9.96 9.07
N ALA A 468 -11.92 -8.96 9.67
CA ALA A 468 -12.51 -7.60 9.75
C ALA A 468 -12.86 -7.06 8.37
N TRP A 469 -12.09 -7.44 7.35
CA TRP A 469 -12.47 -7.12 5.97
C TRP A 469 -13.90 -7.56 5.62
N ARG A 470 -14.31 -8.75 6.06
CA ARG A 470 -15.65 -9.27 5.70
C ARG A 470 -16.80 -8.51 6.41
N THR A 471 -16.57 -8.14 7.66
CA THR A 471 -17.55 -7.35 8.41
C THR A 471 -17.38 -5.83 8.21
N GLY A 472 -16.19 -5.43 7.73
CA GLY A 472 -15.88 -4.02 7.49
C GLY A 472 -16.71 -3.36 6.40
N MET A 473 -16.95 -2.05 6.59
CA MET A 473 -17.63 -1.23 5.59
C MET A 473 -16.75 -0.03 5.15
N LEU A 474 -15.96 0.51 6.08
CA LEU A 474 -15.08 1.65 5.82
C LEU A 474 -13.61 1.30 6.06
N LEU A 475 -12.74 1.85 5.22
CA LEU A 475 -11.31 1.86 5.49
C LEU A 475 -10.94 3.32 5.42
N CYS A 476 -10.73 3.90 6.59
CA CYS A 476 -10.32 5.31 6.68
C CYS A 476 -8.85 5.42 7.02
N ALA A 477 -8.18 6.32 6.30
CA ALA A 477 -6.75 6.53 6.48
C ALA A 477 -6.38 7.97 6.90
N PRO A 478 -6.52 8.30 8.21
CA PRO A 478 -5.92 9.57 8.68
C PRO A 478 -4.41 9.59 8.44
N ALA A 479 -3.96 10.54 7.63
CA ALA A 479 -2.57 10.57 7.18
C ALA A 479 -1.93 11.93 7.48
N GLY A 480 -0.82 11.87 8.19
CA GLY A 480 -0.02 13.05 8.54
C GLY A 480 0.96 13.39 7.46
N SER A 481 0.90 14.65 7.02
CA SER A 481 1.84 15.18 6.04
C SER A 481 3.21 15.39 6.65
N TRP A 482 4.22 15.38 5.79
CA TRP A 482 5.57 15.78 6.19
C TRP A 482 5.71 17.29 6.03
N ASP A 483 6.59 17.90 6.82
CA ASP A 483 6.79 19.34 6.76
C ASP A 483 8.28 19.63 6.71
N TRP A 484 8.73 20.07 5.52
CA TRP A 484 10.13 20.37 5.29
C TRP A 484 10.67 21.62 6.02
N ASP A 485 9.76 22.47 6.52
CA ASP A 485 10.14 23.64 7.35
C ASP A 485 10.28 23.31 8.84
N ALA A 486 9.71 22.18 9.25
CA ALA A 486 9.71 21.77 10.66
C ALA A 486 11.07 21.15 10.97
N SER A 487 11.39 21.01 12.25
CA SER A 487 12.62 20.32 12.64
C SER A 487 12.51 18.78 12.53
N PRO A 488 13.66 18.07 12.49
CA PRO A 488 13.64 16.59 12.60
C PRO A 488 12.96 16.09 13.86
N GLU A 489 13.16 16.82 14.96
CA GLU A 489 12.57 16.48 16.25
C GLU A 489 11.03 16.59 16.20
N GLU A 490 10.52 17.59 15.47
CA GLU A 490 9.09 17.77 15.22
C GLU A 490 8.46 16.66 14.36
N MET A 491 9.18 16.19 13.34
CA MET A 491 8.71 15.06 12.55
C MET A 491 8.75 13.77 13.34
N ALA A 492 9.76 13.62 14.19
CA ALA A 492 9.90 12.46 15.08
C ALA A 492 8.75 12.43 16.08
N ALA A 493 8.36 13.62 16.55
CA ALA A 493 7.23 13.77 17.45
C ALA A 493 5.91 13.48 16.75
N ARG A 494 5.79 13.89 15.48
CA ARG A 494 4.60 13.57 14.67
C ARG A 494 4.45 12.04 14.44
N ASP A 495 5.60 11.41 14.19
CA ASP A 495 5.72 9.95 14.11
C ASP A 495 5.18 9.25 15.37
N ARG A 496 5.68 9.65 16.56
CA ARG A 496 5.22 9.07 17.82
C ARG A 496 3.77 9.41 18.16
N TYR A 497 3.36 10.65 17.86
CA TYR A 497 1.95 11.02 17.95
C TYR A 497 1.04 10.06 17.16
N ALA A 498 1.41 9.77 15.91
CA ALA A 498 0.55 8.91 15.09
C ALA A 498 0.40 7.51 15.70
N ALA A 499 1.53 6.90 16.06
CA ALA A 499 1.60 5.55 16.61
C ALA A 499 0.94 5.38 17.97
N GLU A 500 1.18 6.29 18.90
CA GLU A 500 0.83 6.05 20.28
C GLU A 500 -0.34 6.90 20.82
N THR A 501 -0.80 7.85 20.02
CA THR A 501 -1.93 8.68 20.37
C THR A 501 -3.04 8.57 19.35
N LEU A 502 -2.77 8.91 18.09
CA LEU A 502 -3.83 8.93 17.09
C LEU A 502 -4.39 7.52 16.77
N GLN A 503 -3.50 6.56 16.47
CA GLN A 503 -3.95 5.20 16.18
C GLN A 503 -4.74 4.55 17.35
N PRO A 504 -4.22 4.56 18.60
CA PRO A 504 -5.05 4.01 19.70
C PRO A 504 -6.39 4.72 19.93
N MET A 505 -6.46 6.02 19.65
CA MET A 505 -7.74 6.75 19.72
C MET A 505 -8.70 6.20 18.68
N MET A 506 -8.19 6.01 17.47
CA MET A 506 -8.94 5.40 16.37
C MET A 506 -9.41 3.99 16.72
N ASP A 507 -8.52 3.21 17.34
CA ASP A 507 -8.78 1.81 17.71
C ASP A 507 -9.93 1.71 18.71
N ALA A 508 -9.81 2.45 19.80
CA ALA A 508 -10.80 2.49 20.88
C ALA A 508 -12.19 2.94 20.41
N ALA A 509 -12.23 3.85 19.43
CA ALA A 509 -13.51 4.36 18.91
C ALA A 509 -14.26 3.38 18.00
N THR A 510 -13.60 2.29 17.62
CA THR A 510 -14.17 1.34 16.66
C THR A 510 -13.90 -0.14 17.04
N PRO A 511 -14.54 -0.63 18.12
CA PRO A 511 -14.29 -2.02 18.56
C PRO A 511 -14.75 -3.02 17.51
N GLY A 512 -13.97 -4.10 17.34
CA GLY A 512 -14.26 -5.14 16.32
C GLY A 512 -13.65 -4.85 14.95
N GLY A 513 -13.10 -3.64 14.80
CA GLY A 513 -12.35 -3.28 13.61
C GLY A 513 -10.90 -3.71 13.70
N SER A 514 -10.09 -3.25 12.75
CA SER A 514 -8.69 -3.61 12.74
C SER A 514 -7.89 -2.51 12.04
N VAL A 515 -6.56 -2.67 12.06
CA VAL A 515 -5.65 -1.74 11.36
C VAL A 515 -5.12 -2.47 10.13
N TYR A 516 -5.35 -1.86 8.99
CA TYR A 516 -4.90 -2.38 7.71
C TYR A 516 -3.37 -2.39 7.74
N LEU A 517 -2.76 -3.56 7.52
CA LEU A 517 -1.30 -3.71 7.68
C LEU A 517 -0.49 -2.85 6.70
N ASN A 518 -1.13 -2.50 5.58
CA ASN A 518 -0.50 -1.68 4.54
C ASN A 518 -0.46 -0.21 4.87
N GLU A 519 -1.40 0.25 5.71
CA GLU A 519 -1.52 1.68 6.02
C GLU A 519 -1.54 1.87 7.53
N ALA A 520 -0.36 1.78 8.13
CA ALA A 520 -0.18 1.95 9.56
C ALA A 520 1.17 2.63 9.83
N ASN A 521 1.39 3.00 11.10
CA ASN A 521 2.66 3.51 11.56
C ASN A 521 3.56 2.37 12.01
N HIS A 522 4.85 2.42 11.66
CA HIS A 522 5.85 1.42 12.06
C HIS A 522 6.12 1.28 13.56
N LEU A 523 5.74 2.31 14.35
CA LEU A 523 5.92 2.26 15.81
C LEU A 523 4.68 1.79 16.56
N TYR A 524 3.56 1.62 15.83
CA TYR A 524 2.27 1.16 16.41
C TYR A 524 2.45 -0.15 17.17
N ALA A 525 2.14 -0.12 18.46
CA ALA A 525 2.53 -1.16 19.39
C ALA A 525 1.73 -2.47 19.23
N ASN A 526 0.44 -2.35 18.91
CA ASN A 526 -0.51 -3.48 18.87
C ASN A 526 -0.61 -4.12 17.46
N TRP A 527 0.47 -4.02 16.68
CA TRP A 527 0.48 -4.48 15.28
C TRP A 527 0.07 -5.94 15.10
N LYS A 528 0.57 -6.83 15.97
CA LYS A 528 0.40 -8.27 15.81
C LYS A 528 -1.07 -8.66 15.84
N GLU A 529 -1.74 -8.26 16.93
CA GLU A 529 -3.16 -8.52 17.10
C GLU A 529 -3.98 -7.79 16.05
N SER A 530 -3.61 -6.55 15.75
CA SER A 530 -4.46 -5.75 14.88
C SER A 530 -4.31 -6.07 13.40
N PHE A 531 -3.09 -6.38 12.96
CA PHE A 531 -2.87 -6.67 11.54
C PHE A 531 -3.31 -8.09 11.17
N TYR A 532 -3.07 -9.05 12.06
CA TYR A 532 -3.20 -10.46 11.75
C TYR A 532 -4.29 -11.18 12.53
N GLY A 533 -4.54 -10.75 13.77
CA GLY A 533 -5.60 -11.38 14.60
C GLY A 533 -5.35 -12.86 14.82
N ASP A 534 -6.41 -13.67 14.73
CA ASP A 534 -6.33 -15.10 15.05
C ASP A 534 -5.52 -15.88 14.00
N ASN A 535 -5.46 -15.40 12.76
CA ASN A 535 -4.63 -16.00 11.69
C ASN A 535 -3.13 -16.08 11.98
N TYR A 536 -2.66 -15.33 12.97
CA TYR A 536 -1.22 -15.19 13.22
C TYR A 536 -0.48 -16.50 13.50
N ALA A 537 -1.06 -17.39 14.30
CA ALA A 537 -0.41 -18.67 14.60
C ALA A 537 -0.12 -19.46 13.32
N ARG A 538 -1.10 -19.50 12.41
CA ARG A 538 -0.99 -20.26 11.17
C ARG A 538 -0.04 -19.58 10.19
N LEU A 539 -0.13 -18.26 10.11
CA LEU A 539 0.83 -17.44 9.35
C LEU A 539 2.26 -17.69 9.82
N LEU A 540 2.43 -17.83 11.13
CA LEU A 540 3.74 -18.11 11.72
C LEU A 540 4.25 -19.51 11.38
N ARG A 541 3.35 -20.48 11.38
CA ARG A 541 3.67 -21.83 10.92
C ARG A 541 4.11 -21.88 9.46
N VAL A 542 3.43 -21.12 8.59
CA VAL A 542 3.81 -21.05 7.18
C VAL A 542 5.20 -20.37 7.04
N LYS A 543 5.38 -19.27 7.77
CA LYS A 543 6.67 -18.56 7.82
C LYS A 543 7.82 -19.48 8.24
N LYS A 544 7.63 -20.25 9.32
CA LYS A 544 8.65 -21.21 9.79
C LYS A 544 8.88 -22.38 8.83
N LYS A 545 7.86 -22.75 8.06
CA LYS A 545 7.99 -23.79 7.03
C LYS A 545 8.89 -23.33 5.86
N TYR A 546 8.55 -22.18 5.27
CA TYR A 546 9.21 -21.67 4.06
C TYR A 546 10.41 -20.74 4.29
N ASP A 547 10.57 -20.30 5.53
CA ASP A 547 11.69 -19.43 5.92
C ASP A 547 12.17 -19.78 7.34
N PRO A 548 12.57 -21.06 7.58
CA PRO A 548 12.95 -21.47 8.96
C PRO A 548 14.08 -20.65 9.58
N ASP A 549 14.97 -20.09 8.75
CA ASP A 549 16.12 -19.32 9.21
C ASP A 549 15.84 -17.80 9.26
N SER A 550 14.59 -17.43 8.99
CA SER A 550 14.15 -16.04 9.00
C SER A 550 15.08 -15.14 8.18
N VAL A 551 15.30 -15.52 6.92
CA VAL A 551 16.07 -14.66 6.01
C VAL A 551 15.26 -13.43 5.62
N PHE A 552 13.93 -13.56 5.60
CA PHE A 552 13.11 -12.40 5.29
C PHE A 552 12.61 -11.71 6.55
N TYR A 553 12.93 -10.42 6.67
CA TYR A 553 12.46 -9.60 7.77
C TYR A 553 11.80 -8.33 7.24
N VAL A 554 10.61 -8.03 7.76
CA VAL A 554 10.01 -6.71 7.61
C VAL A 554 9.45 -6.31 8.98
N LYS A 555 9.52 -5.02 9.31
CA LYS A 555 8.93 -4.48 10.54
C LYS A 555 7.42 -4.71 10.48
N THR A 556 6.88 -5.21 11.59
CA THR A 556 5.48 -5.65 11.73
C THR A 556 5.09 -6.84 10.84
N GLY A 557 6.07 -7.52 10.26
CA GLY A 557 5.81 -8.71 9.44
C GLY A 557 5.61 -9.97 10.27
N VAL A 558 4.96 -10.98 9.68
CA VAL A 558 4.83 -12.26 10.35
C VAL A 558 6.23 -12.81 10.62
N GLY A 559 6.51 -13.14 11.88
CA GLY A 559 7.78 -13.74 12.27
C GLY A 559 8.93 -12.74 12.37
N SER A 560 8.60 -11.44 12.39
CA SER A 560 9.62 -10.38 12.46
C SER A 560 10.23 -10.28 13.85
N GLU A 561 9.49 -10.74 14.86
CA GLU A 561 9.94 -10.75 16.25
C GLU A 561 11.20 -11.64 16.46
N VAL A 562 11.63 -12.34 15.43
CA VAL A 562 12.92 -13.05 15.44
C VAL A 562 14.09 -12.06 15.44
N TRP A 563 13.92 -10.90 14.80
CA TRP A 563 14.96 -9.86 14.75
C TRP A 563 14.66 -8.65 15.65
N ASP A 564 15.66 -8.24 16.44
CA ASP A 564 15.72 -6.92 17.11
C ASP A 564 16.48 -5.93 16.23
N VAL A 565 16.03 -4.68 16.27
CA VAL A 565 16.68 -3.56 15.61
C VAL A 565 17.37 -2.76 16.73
N ASP A 566 18.71 -2.71 16.74
CA ASP A 566 19.40 -1.92 17.77
C ASP A 566 19.37 -0.42 17.46
N ALA A 567 19.93 0.41 18.35
CA ALA A 567 19.89 1.87 18.23
C ALA A 567 20.43 2.40 16.90
N THR A 568 21.49 1.75 16.40
CA THR A 568 22.17 2.11 15.17
C THR A 568 21.39 1.63 13.93
N GLY A 569 20.44 0.70 14.14
CA GLY A 569 19.62 0.16 13.04
C GLY A 569 20.01 -1.23 12.57
N ARG A 570 20.99 -1.84 13.24
CA ARG A 570 21.46 -3.19 12.98
C ARG A 570 20.43 -4.26 13.37
N LEU A 571 20.27 -5.25 12.50
CA LEU A 571 19.41 -6.39 12.76
C LEU A 571 20.18 -7.44 13.56
N CYS A 572 19.69 -7.76 14.75
CA CYS A 572 20.27 -8.80 15.60
C CYS A 572 19.22 -9.82 16.08
N ARG A 573 19.64 -11.07 16.24
CA ARG A 573 18.72 -12.13 16.62
C ARG A 573 18.22 -11.93 18.06
N ALA A 574 16.91 -11.81 18.20
CA ALA A 574 16.26 -11.64 19.48
C ALA A 574 16.51 -12.87 20.37
C1 NAG B . 28.51 -4.13 -11.84
C2 NAG B . 28.84 -2.66 -11.48
C3 NAG B . 28.15 -1.72 -12.48
C4 NAG B . 28.56 -2.02 -13.93
C5 NAG B . 28.47 -3.52 -14.29
C6 NAG B . 29.49 -3.86 -15.37
C7 NAG B . 29.15 -2.61 -9.02
C8 NAG B . 28.50 -2.20 -7.73
N2 NAG B . 28.43 -2.34 -10.12
O3 NAG B . 28.50 -0.37 -12.17
O4 NAG B . 27.75 -1.23 -14.83
O5 NAG B . 28.76 -4.45 -13.22
O6 NAG B . 29.03 -3.40 -16.65
O7 NAG B . 30.24 -3.16 -9.03
C1 NAG B . 28.54 -0.26 -15.55
C2 NAG B . 27.91 0.03 -16.93
C3 NAG B . 28.28 1.40 -17.55
C4 NAG B . 28.79 2.50 -16.58
C5 NAG B . 29.61 1.89 -15.44
C6 NAG B . 30.10 2.92 -14.44
C7 NAG B . 27.71 -1.36 -19.01
C8 NAG B . 28.37 -2.48 -19.77
N2 NAG B . 28.33 -1.02 -17.86
O3 NAG B . 27.15 1.89 -18.27
O4 NAG B . 29.57 3.44 -17.33
O5 NAG B . 28.80 0.92 -14.76
O6 NAG B . 31.33 2.46 -13.88
O7 NAG B . 26.69 -0.83 -19.42
C1 NAG C . 16.42 8.99 12.08
C2 NAG C . 15.63 7.73 12.51
C3 NAG C . 15.72 7.51 14.02
C4 NAG C . 17.17 7.52 14.53
C5 NAG C . 17.94 8.71 13.95
C6 NAG C . 19.44 8.61 14.22
C7 NAG C . 13.69 6.96 11.17
C8 NAG C . 12.22 7.16 10.93
N2 NAG C . 14.23 7.76 12.12
O3 NAG C . 15.10 6.26 14.34
O4 NAG C . 17.19 7.68 15.96
O5 NAG C . 17.76 8.86 12.54
O6 NAG C . 19.97 9.93 14.16
O7 NAG C . 14.30 6.10 10.56
C1 NAG C . 17.43 6.46 16.67
C2 NAG C . 18.08 6.81 18.01
C3 NAG C . 18.22 5.58 18.89
C4 NAG C . 16.89 4.79 19.04
C5 NAG C . 16.19 4.58 17.69
C6 NAG C . 14.75 4.12 17.89
C7 NAG C . 19.55 8.79 17.92
C8 NAG C . 20.98 9.25 17.75
N2 NAG C . 19.37 7.47 17.87
O3 NAG C . 18.68 6.00 20.18
O4 NAG C . 17.16 3.49 19.59
O5 NAG C . 16.20 5.77 16.87
O6 NAG C . 13.89 5.24 18.17
O7 NAG C . 18.65 9.60 18.10
C1 BMA C . 16.85 3.40 20.98
C2 BMA C . 15.94 2.18 21.22
C3 BMA C . 15.82 1.83 22.71
C4 BMA C . 17.19 1.79 23.43
C5 BMA C . 17.96 3.09 23.16
C6 BMA C . 19.37 3.07 23.76
O2 BMA C . 16.47 1.06 20.50
O3 BMA C . 15.13 0.58 22.87
O4 BMA C . 16.98 1.60 24.83
O5 BMA C . 18.07 3.32 21.74
O6 BMA C . 19.97 4.37 23.59
C1 NAG D . 18.07 -2.74 -14.76
C2 NAG D . 18.42 -1.41 -15.45
C3 NAG D . 17.58 -1.24 -16.71
C4 NAG D . 17.72 -2.43 -17.67
C5 NAG D . 17.34 -3.71 -16.90
C6 NAG D . 17.48 -4.97 -17.74
C7 NAG D . 19.21 0.27 -13.82
C8 NAG D . 18.79 1.48 -13.03
N2 NAG D . 18.25 -0.25 -14.59
O3 NAG D . 17.92 -0.01 -17.38
O4 NAG D . 16.82 -2.28 -18.78
O5 NAG D . 18.13 -3.83 -15.71
O6 NAG D . 18.85 -5.38 -17.83
O7 NAG D . 20.34 -0.18 -13.74
C1 NAG D . 17.46 -1.91 -20.02
C2 NAG D . 16.53 -2.38 -21.15
C3 NAG D . 16.93 -1.82 -22.52
C4 NAG D . 17.17 -0.30 -22.47
C5 NAG D . 18.17 0.05 -21.36
C6 NAG D . 18.33 1.56 -21.20
C7 NAG D . 15.41 -4.54 -20.80
C8 NAG D . 15.56 -6.04 -20.88
N2 NAG D . 16.48 -3.84 -21.16
O3 NAG D . 15.88 -2.09 -23.45
O4 NAG D . 17.64 0.15 -23.75
O5 NAG D . 17.73 -0.49 -20.09
O6 NAG D . 19.45 1.82 -20.35
O7 NAG D . 14.35 -4.05 -20.42
PA FAD E . 6.94 -1.57 -1.66
O1A FAD E . 7.31 -0.60 -0.57
O2A FAD E . 7.96 -1.74 -2.75
O5B FAD E . 6.61 -2.99 -0.98
C5B FAD E . 5.83 -3.10 0.21
C4B FAD E . 6.16 -4.38 0.97
O4B FAD E . 5.96 -5.51 0.12
C3B FAD E . 7.59 -4.48 1.46
O3B FAD E . 7.56 -5.16 2.72
C2B FAD E . 8.30 -5.35 0.44
O2B FAD E . 9.37 -6.09 1.02
C1B FAD E . 7.18 -6.26 -0.04
N9A FAD E . 7.27 -6.68 -1.45
C8A FAD E . 6.95 -5.92 -2.51
N7A FAD E . 7.11 -6.61 -3.67
C5A FAD E . 7.53 -7.84 -3.34
C6A FAD E . 7.89 -9.08 -4.08
N6A FAD E . 7.82 -9.09 -5.42
N1A FAD E . 8.28 -10.15 -3.36
C2A FAD E . 8.36 -10.14 -2.02
N3A FAD E . 8.04 -9.05 -1.28
C4A FAD E . 7.62 -7.89 -1.87
N1 FAD E . -3.34 0.51 -0.53
C2 FAD E . -4.64 0.18 -0.73
O2 FAD E . -5.07 -0.90 -0.28
N3 FAD E . -5.47 0.98 -1.43
C4 FAD E . -5.11 2.17 -1.95
O4 FAD E . -5.93 2.88 -2.58
C4X FAD E . -3.70 2.59 -1.77
N5 FAD E . -3.25 3.76 -2.27
C5X FAD E . -1.96 4.16 -2.11
C6 FAD E . -1.51 5.38 -2.65
C7 FAD E . -0.16 5.77 -2.45
C7M FAD E . 0.31 7.09 -3.03
C8 FAD E . 0.79 4.86 -1.69
C8M FAD E . 2.28 5.13 -1.52
C9 FAD E . 0.32 3.66 -1.18
C9A FAD E . -1.01 3.27 -1.35
N10 FAD E . -1.47 2.03 -0.83
C10 FAD E . -2.82 1.67 -1.01
C1' FAD E . -0.57 1.19 -0.04
C2' FAD E . -0.01 -0.05 -0.67
O2' FAD E . -1.07 -1.01 -0.71
C3' FAD E . 1.10 -0.51 0.27
O3' FAD E . 1.99 0.59 0.59
C4' FAD E . 1.89 -1.67 -0.33
O4' FAD E . 2.75 -2.21 0.66
C5' FAD E . 2.65 -1.23 -1.58
O5' FAD E . 3.46 -2.29 -2.08
P FAD E . 4.57 -1.98 -3.19
O1P FAD E . 3.95 -1.17 -4.28
O2P FAD E . 5.25 -3.30 -3.47
O3P FAD E . 5.60 -1.05 -2.36
C1 NAG F . -20.29 24.48 -0.16
C2 NAG F . -19.23 25.05 -1.11
C3 NAG F . -19.84 26.01 -2.14
C4 NAG F . -21.10 25.43 -2.80
C5 NAG F . -22.09 25.04 -1.68
C6 NAG F . -23.43 24.54 -2.22
C7 NAG F . -16.97 25.18 -0.04
C8 NAG F . -16.08 26.09 0.75
N2 NAG F . -18.18 25.72 -0.35
O3 NAG F . -18.87 26.34 -3.14
O4 NAG F . -21.66 26.39 -3.70
O5 NAG F . -21.49 24.04 -0.84
O6 NAG F . -23.30 23.22 -2.77
O7 NAG F . -16.62 24.05 -0.36
C1 NAG G . -12.66 12.92 21.37
C2 NAG G . -12.58 11.46 21.89
C3 NAG G . -12.71 11.32 23.42
C4 NAG G . -12.01 12.44 24.19
C5 NAG G . -12.50 13.79 23.65
C6 NAG G . -11.94 15.00 24.40
C7 NAG G . -13.42 9.63 20.42
C8 NAG G . -14.66 9.03 19.85
N2 NAG G . -13.62 10.70 21.21
O3 NAG G . -12.16 10.07 23.86
O4 NAG G . -12.22 12.32 25.61
O5 NAG G . -12.10 13.88 22.27
O6 NAG G . -10.55 15.17 24.11
O7 NAG G . -12.32 9.16 20.17
C1 NAG H . -8.72 1.05 -23.88
C2 NAG H . -8.15 2.23 -24.67
C3 NAG H . -8.88 2.48 -26.01
C4 NAG H . -9.15 1.19 -26.81
C5 NAG H . -9.86 0.19 -25.90
C6 NAG H . -10.14 -1.13 -26.63
C7 NAG H . -7.09 4.04 -23.35
C8 NAG H . -7.36 5.32 -22.61
N2 NAG H . -8.18 3.47 -23.90
O3 NAG H . -8.10 3.37 -26.82
O4 NAG H . -9.90 1.48 -28.00
O5 NAG H . -9.04 -0.05 -24.75
O6 NAG H . -10.21 -2.23 -25.71
O7 NAG H . -5.95 3.58 -23.45
#